data_1HDP
#
_entry.id   1HDP
#
_cell.length_a   1.000
_cell.length_b   1.000
_cell.length_c   1.000
_cell.angle_alpha   90.00
_cell.angle_beta   90.00
_cell.angle_gamma   90.00
#
_symmetry.space_group_name_H-M   'P 1'
#
_entity_poly.entity_id   1
_entity_poly.type   'polypeptide(L)'
_entity_poly.pdbx_seq_one_letter_code
;RRKKRTSIETNVRFALEKSFLANQKPTSEEILLIAEQLHMEKEVIRVWFCNRRQKEKRINPCS
;
_entity_poly.pdbx_strand_id   A
#
# COMPACT_ATOMS: atom_id res chain seq x y z
N ARG A 1 -15.35 -11.54 -2.66
CA ARG A 1 -15.15 -11.59 -3.03
C ARG A 1 -15.01 -10.97 -3.06
N ARG A 2 -15.37 -10.56 -3.19
CA ARG A 2 -15.29 -9.94 -3.24
C ARG A 2 -14.87 -9.76 -3.02
N LYS A 3 -14.26 -9.53 -2.46
CA LYS A 3 -13.80 -9.34 -2.20
C LYS A 3 -13.59 -8.75 -2.21
N LYS A 4 -13.54 -8.21 -2.13
CA LYS A 4 -13.34 -7.62 -2.14
C LYS A 4 -13.25 -6.92 -1.67
N ARG A 5 -12.77 -6.82 -0.90
CA ARG A 5 -12.62 -6.17 -0.39
C ARG A 5 -12.14 -5.37 -0.38
N THR A 6 -12.63 -4.85 -0.42
CA THR A 6 -12.26 -4.06 -0.41
C THR A 6 -11.84 -3.88 0.12
N SER A 7 -11.61 -3.50 0.21
CA SER A 7 -11.20 -3.29 0.69
C SER A 7 -10.20 -2.61 0.90
N ILE A 8 -9.97 -2.32 0.87
CA ILE A 8 -9.05 -1.68 1.05
C ILE A 8 -9.41 -0.70 1.75
N GLU A 9 -9.56 -0.11 2.13
CA GLU A 9 -9.89 0.85 2.81
C GLU A 9 -9.57 1.90 3.16
N THR A 10 -9.04 2.29 3.52
CA THR A 10 -8.70 3.28 3.88
C THR A 10 -7.92 4.29 4.03
N ASN A 11 -8.03 4.71 5.18
CA ASN A 11 -7.36 5.66 5.48
C ASN A 11 -5.98 5.53 5.11
N VAL A 12 -5.61 4.52 5.13
CA VAL A 12 -4.33 4.28 4.79
C VAL A 12 -3.81 4.55 3.48
N ARG A 13 -4.54 4.10 2.56
CA ARG A 13 -4.22 4.26 1.26
C ARG A 13 -4.03 5.64 0.94
N PHE A 14 -4.76 6.44 1.58
CA PHE A 14 -4.65 7.78 1.37
C PHE A 14 -3.23 8.19 1.64
N ALA A 15 -2.76 7.78 2.73
CA ALA A 15 -1.42 8.08 3.13
C ALA A 15 -0.41 7.33 2.32
N LEU A 16 -0.83 6.22 1.89
CA LEU A 16 0.03 5.42 1.11
C LEU A 16 0.19 6.03 -0.24
N GLU A 17 -0.72 6.72 -0.59
CA GLU A 17 -0.69 7.32 -1.84
C GLU A 17 0.53 8.10 -2.07
N LYS A 18 0.71 9.02 -1.26
CA LYS A 18 1.83 9.85 -1.39
C LYS A 18 3.08 9.17 -1.07
N SER A 19 2.94 8.26 -0.30
CA SER A 19 4.04 7.55 0.11
C SER A 19 4.53 6.56 -0.85
N PHE A 20 3.66 6.06 -1.57
CA PHE A 20 4.00 5.10 -2.52
C PHE A 20 4.95 5.57 -3.48
N LEU A 21 4.64 6.49 -4.03
CA LEU A 21 5.44 7.02 -4.98
C LEU A 21 6.73 7.54 -4.60
N ALA A 22 6.78 7.91 -3.49
CA ALA A 22 7.94 8.44 -3.02
C ALA A 22 8.94 7.53 -2.93
N ASN A 23 8.54 6.52 -2.49
CA ASN A 23 9.39 5.56 -2.36
C ASN A 23 8.71 4.39 -2.47
N GLN A 24 8.89 3.66 -2.90
CA GLN A 24 8.31 2.53 -3.07
C GLN A 24 9.00 1.43 -2.52
N LYS A 25 9.90 1.58 -1.75
CA LYS A 25 10.63 0.62 -1.17
C LYS A 25 10.79 0.78 0.20
N PRO A 26 9.76 0.56 0.85
CA PRO A 26 9.77 0.68 2.17
C PRO A 26 10.58 -0.31 2.85
N THR A 27 11.35 0.06 3.74
CA THR A 27 12.16 -0.79 4.47
C THR A 27 11.39 -1.31 5.61
N SER A 28 12.10 -1.97 6.42
CA SER A 28 11.50 -2.54 7.55
C SER A 28 11.18 -1.53 8.56
N GLU A 29 12.11 -0.69 8.77
CA GLU A 29 11.94 0.32 9.72
C GLU A 29 10.97 1.36 9.29
N GLU A 30 11.06 1.68 8.05
CA GLU A 30 10.21 2.67 7.51
C GLU A 30 8.73 2.36 7.74
N ILE A 31 8.42 1.13 7.66
CA ILE A 31 7.05 0.71 7.85
C ILE A 31 6.64 0.76 9.26
N LEU A 32 7.46 0.21 10.07
CA LEU A 32 7.17 0.18 11.45
C LEU A 32 7.04 1.56 11.96
N LEU A 33 7.79 2.41 11.36
CA LEU A 33 7.77 3.76 11.74
C LEU A 33 6.41 4.36 11.43
N ILE A 34 6.00 4.11 10.25
CA ILE A 34 4.73 4.62 9.81
C ILE A 34 3.59 3.97 10.54
N ALA A 35 3.85 2.80 11.02
CA ALA A 35 2.86 2.07 11.73
C ALA A 35 2.55 2.69 13.03
N GLU A 36 3.49 3.31 13.58
CA GLU A 36 3.34 3.94 14.83
C GLU A 36 2.50 5.12 14.79
N GLN A 37 2.32 5.59 13.68
CA GLN A 37 1.56 6.70 13.51
C GLN A 37 0.17 6.45 13.82
N LEU A 38 -0.29 5.31 13.54
CA LEU A 38 -1.59 4.95 13.79
C LEU A 38 -2.08 3.85 13.45
N HIS A 39 -2.58 3.75 12.92
CA HIS A 39 -3.10 2.76 12.55
C HIS A 39 -2.80 2.11 11.31
N MET A 40 -1.65 1.59 11.23
CA MET A 40 -1.21 0.94 10.10
C MET A 40 -0.25 -0.06 10.46
N GLU A 41 -0.20 -1.06 10.16
CA GLU A 41 0.66 -2.09 10.47
C GLU A 41 1.33 -2.71 9.32
N LYS A 42 2.40 -3.39 9.55
CA LYS A 42 3.17 -4.02 8.56
C LYS A 42 2.34 -4.79 7.62
N GLU A 43 1.33 -5.37 8.10
CA GLU A 43 0.48 -6.15 7.32
C GLU A 43 -0.07 -5.41 6.16
N VAL A 44 -1.18 -4.76 6.39
CA VAL A 44 -1.79 -4.02 5.38
C VAL A 44 -0.82 -3.20 4.57
N ILE A 45 0.23 -2.79 5.20
CA ILE A 45 1.23 -1.99 4.56
C ILE A 45 1.72 -2.63 3.33
N ARG A 46 2.40 -3.71 3.48
CA ARG A 46 2.93 -4.40 2.38
C ARG A 46 1.82 -4.73 1.44
N VAL A 47 0.77 -5.30 1.95
CA VAL A 47 -0.34 -5.65 1.13
C VAL A 47 -0.79 -4.55 0.27
N TRP A 48 -0.72 -3.41 0.82
CA TRP A 48 -1.09 -2.27 0.11
C TRP A 48 -0.04 -2.08 -0.96
N PHE A 49 1.08 -1.51 -0.62
CA PHE A 49 2.17 -1.28 -1.52
C PHE A 49 2.32 -2.27 -2.60
N CYS A 50 2.17 -3.47 -2.25
CA CYS A 50 2.31 -4.50 -3.17
C CYS A 50 1.28 -4.35 -4.21
N ASN A 51 0.02 -4.46 -3.84
CA ASN A 51 -1.06 -4.37 -4.73
C ASN A 51 -1.17 -3.03 -5.31
N ARG A 52 -0.66 -2.10 -4.63
CA ARG A 52 -0.70 -0.78 -5.08
C ARG A 52 0.10 -0.60 -6.32
N ARG A 53 1.25 -1.13 -6.33
CA ARG A 53 2.13 -1.02 -7.43
C ARG A 53 1.77 -1.88 -8.55
N GLN A 54 0.94 -2.82 -8.28
CA GLN A 54 0.53 -3.71 -9.27
C GLN A 54 -0.36 -3.05 -10.21
N LYS A 55 -1.02 -2.09 -9.72
CA LYS A 55 -1.92 -1.37 -10.49
C LYS A 55 -1.18 -0.51 -11.40
N GLU A 56 0.02 -0.28 -11.09
CA GLU A 56 0.84 0.54 -11.84
C GLU A 56 1.28 -0.13 -13.03
N LYS A 57 1.68 -1.18 -12.91
CA LYS A 57 2.14 -1.91 -13.94
C LYS A 57 1.28 -2.14 -14.79
N ARG A 58 1.30 -2.17 -15.49
CA ARG A 58 0.54 -2.39 -16.34
C ARG A 58 0.40 -2.30 -17.09
N ILE A 59 0.39 -2.31 -17.43
CA ILE A 59 0.25 -2.23 -18.15
C ILE A 59 -0.08 -2.75 -18.69
N ASN A 60 -0.19 -2.98 -18.42
CA ASN A 60 -0.50 -3.48 -18.88
C ASN A 60 -0.80 -3.76 -19.55
N PRO A 61 -1.06 -4.05 -20.03
CA PRO A 61 -1.36 -4.33 -20.70
C PRO A 61 -1.25 -4.45 -20.68
N CYS A 62 -1.02 -4.55 -20.71
CA CYS A 62 -0.89 -4.67 -20.70
C CYS A 62 -1.32 -4.75 -20.54
N SER A 63 -1.14 -4.72 -20.54
CA SER A 63 -1.50 -4.79 -20.39
C SER A 63 -1.33 -4.71 -20.07
#